data_7QZ4
#
_entry.id   7QZ4
#
_cell.length_a   94.283
_cell.length_b   94.283
_cell.length_c   33.091
_cell.angle_alpha   90.000
_cell.angle_beta   90.000
_cell.angle_gamma   120.000
#
_symmetry.space_group_name_H-M   'P 31 2 1'
#
loop_
_entity.id
_entity.type
_entity.pdbx_description
1 polymer 'Bromodomain adjacent to zinc finger domain protein 2A'
2 non-polymer 1-[4-ethyl-5-[2-[4-[(1-ethylpiperidin-4-yl)methyl]piperazin-1-yl]-1,3-thiazol-4-yl]-2-methyl-1~{H}-pyrrol-3-yl]ethanone
3 non-polymer 1,2-ETHANEDIOL
4 water water
#
_entity_poly.entity_id   1
_entity_poly.type   'polypeptide(L)'
_entity_poly.pdbx_seq_one_letter_code
;SMHSDLTFCEIILMEMESHDAAWPFLEPVNPRLVSGYRRIIKNPMDFSTMRHRLSRGGYTSSEEFAADALLVFDNCQTFN
EDDSEVGKAGHIMRRFFESRWEEFY
;
_entity_poly.pdbx_strand_id   A
#
loop_
_chem_comp.id
_chem_comp.type
_chem_comp.name
_chem_comp.formula
EDO non-polymer 1,2-ETHANEDIOL 'C2 H6 O2'
GIZ non-polymer 1-[4-ethyl-5-[2-[4-[(1-ethylpiperidin-4-yl)methyl]piperazin-1-yl]-1,3-thiazol-4-yl]-2-methyl-1~{H}-pyrrol-3-yl]ethanone 'C24 H37 N5 O S'
#
# COMPACT_ATOMS: atom_id res chain seq x y z
N SER A 4 16.60 -6.46 -11.48
CA SER A 4 15.65 -7.56 -11.65
C SER A 4 14.64 -7.55 -10.51
N ASP A 5 15.14 -7.54 -9.28
CA ASP A 5 14.23 -7.42 -8.14
C ASP A 5 13.44 -6.13 -8.20
N LEU A 6 13.97 -5.13 -8.88
CA LEU A 6 13.23 -3.85 -8.94
C LEU A 6 12.21 -3.90 -10.07
N THR A 7 12.51 -4.65 -11.11
CA THR A 7 11.61 -4.71 -12.25
C THR A 7 10.23 -5.25 -11.86
N PHE A 8 10.19 -6.28 -11.01
CA PHE A 8 8.90 -6.85 -10.61
C PHE A 8 8.09 -5.84 -9.79
N CYS A 9 8.72 -5.13 -8.87
CA CYS A 9 8.01 -4.13 -8.07
C CYS A 9 7.39 -3.05 -8.93
N GLU A 10 8.08 -2.67 -10.02
CA GLU A 10 7.50 -1.74 -10.97
C GLU A 10 6.20 -2.27 -11.55
N ILE A 11 6.16 -3.57 -11.85
CA ILE A 11 4.94 -4.20 -12.36
C ILE A 11 3.85 -4.24 -11.29
N ILE A 12 4.18 -4.79 -10.13
CA ILE A 12 3.22 -4.88 -9.03
C ILE A 12 2.64 -3.51 -8.72
N LEU A 13 3.50 -2.50 -8.61
CA LEU A 13 3.03 -1.18 -8.21
C LEU A 13 2.15 -0.56 -9.30
N MET A 14 2.55 -0.74 -10.56
CA MET A 14 1.71 -0.28 -11.66
C MET A 14 0.35 -0.97 -11.63
N GLU A 15 0.33 -2.26 -11.29
CA GLU A 15 -0.94 -2.97 -11.27
C GLU A 15 -1.78 -2.57 -10.07
N MET A 16 -1.15 -2.39 -8.91
CA MET A 16 -1.89 -1.86 -7.76
C MET A 16 -2.39 -0.45 -8.01
N GLU A 17 -1.59 0.39 -8.68
CA GLU A 17 -2.03 1.76 -8.95
C GLU A 17 -3.33 1.79 -9.77
N SER A 18 -3.45 0.92 -10.77
CA SER A 18 -4.60 0.95 -11.68
C SER A 18 -5.73 0.03 -11.26
N HIS A 19 -5.54 -0.76 -10.20
CA HIS A 19 -6.59 -1.62 -9.69
C HIS A 19 -7.83 -0.82 -9.27
N ASP A 20 -9.02 -1.37 -9.53
CA ASP A 20 -10.26 -0.72 -9.13
C ASP A 20 -10.32 -0.41 -7.64
N ALA A 21 -9.83 -1.32 -6.81
CA ALA A 21 -9.91 -1.17 -5.36
C ALA A 21 -8.81 -0.29 -4.76
N ALA A 22 -8.00 0.37 -5.59
CA ALA A 22 -6.86 1.15 -5.11
C ALA A 22 -7.24 2.54 -4.64
N TRP A 23 -8.47 2.99 -4.90
CA TRP A 23 -8.80 4.39 -4.66
C TRP A 23 -8.51 4.88 -3.24
N PRO A 24 -8.57 4.08 -2.16
CA PRO A 24 -8.21 4.62 -0.83
C PRO A 24 -6.75 4.89 -0.64
N PHE A 25 -5.88 4.32 -1.49
CA PHE A 25 -4.45 4.24 -1.18
C PHE A 25 -3.58 4.99 -2.17
N LEU A 26 -4.17 5.76 -3.09
CA LEU A 26 -3.37 6.43 -4.11
C LEU A 26 -2.59 7.61 -3.54
N GLU A 27 -3.12 8.30 -2.55
CA GLU A 27 -2.45 9.43 -1.94
C GLU A 27 -2.48 9.27 -0.42
N PRO A 28 -1.58 9.95 0.30
CA PRO A 28 -1.55 9.81 1.77
C PRO A 28 -2.87 10.25 2.38
N VAL A 29 -3.24 9.60 3.49
CA VAL A 29 -4.42 10.03 4.22
C VAL A 29 -4.18 11.45 4.72
N ASN A 30 -5.18 12.30 4.57
CA ASN A 30 -5.13 13.67 5.07
C ASN A 30 -5.60 13.70 6.50
N PRO A 31 -4.70 13.76 7.48
CA PRO A 31 -5.11 13.64 8.89
C PRO A 31 -6.03 14.75 9.36
N ARG A 32 -6.05 15.91 8.69
CA ARG A 32 -7.00 16.94 9.04
C ARG A 32 -8.44 16.51 8.76
N LEU A 33 -8.64 15.54 7.87
CA LEU A 33 -9.97 15.09 7.48
C LEU A 33 -10.38 13.80 8.17
N VAL A 34 -9.47 13.15 8.89
CA VAL A 34 -9.75 11.84 9.48
C VAL A 34 -9.45 11.95 10.96
N SER A 35 -10.50 12.19 11.75
CA SER A 35 -10.38 12.27 13.19
C SER A 35 -9.72 11.01 13.75
N GLY A 36 -8.58 11.21 14.42
CA GLY A 36 -7.88 10.13 15.10
C GLY A 36 -6.75 9.47 14.34
N TYR A 37 -6.51 9.85 13.08
CA TYR A 37 -5.59 9.09 12.26
C TYR A 37 -4.16 9.20 12.79
N ARG A 38 -3.69 10.44 13.06
CA ARG A 38 -2.31 10.66 13.51
C ARG A 38 -2.06 9.95 14.83
N ARG A 39 -3.05 9.94 15.73
CA ARG A 39 -2.89 9.31 17.03
C ARG A 39 -2.67 7.80 16.90
N ILE A 40 -3.35 7.16 15.94
CA ILE A 40 -3.38 5.70 15.85
C ILE A 40 -2.31 5.15 14.90
N ILE A 41 -2.09 5.80 13.76
CA ILE A 41 -1.23 5.27 12.71
C ILE A 41 0.10 5.99 12.81
N LYS A 42 1.08 5.32 13.37
CA LYS A 42 2.39 5.98 13.57
C LYS A 42 3.24 6.02 12.29
N ASN A 43 3.09 5.07 11.38
CA ASN A 43 3.91 5.02 10.17
C ASN A 43 3.01 4.97 8.95
N PRO A 44 2.43 6.10 8.56
CA PRO A 44 1.56 6.12 7.38
C PRO A 44 2.31 5.71 6.12
N MET A 45 1.58 5.12 5.16
CA MET A 45 2.16 4.71 3.88
C MET A 45 1.05 4.63 2.83
N ASP A 46 1.43 4.91 1.59
CA ASP A 46 0.47 4.92 0.49
C ASP A 46 1.22 4.65 -0.82
N PHE A 47 0.46 4.50 -1.91
CA PHE A 47 1.06 4.07 -3.17
C PHE A 47 1.91 5.17 -3.80
N SER A 48 1.47 6.43 -3.73
CA SER A 48 2.27 7.50 -4.32
C SER A 48 3.59 7.73 -3.57
N THR A 49 3.63 7.45 -2.26
CA THR A 49 4.90 7.49 -1.54
C THR A 49 5.83 6.38 -2.01
N MET A 50 5.28 5.18 -2.21
CA MET A 50 6.10 4.09 -2.76
C MET A 50 6.55 4.40 -4.17
N ARG A 51 5.67 5.02 -4.96
CA ARG A 51 6.04 5.42 -6.32
C ARG A 51 7.17 6.43 -6.30
N HIS A 52 7.09 7.42 -5.42
CA HIS A 52 8.18 8.40 -5.34
C HIS A 52 9.46 7.72 -4.92
N ARG A 53 9.39 6.85 -3.91
CA ARG A 53 10.61 6.20 -3.42
C ARG A 53 11.22 5.31 -4.49
N LEU A 54 10.36 4.60 -5.24
CA LEU A 54 10.85 3.77 -6.34
C LEU A 54 11.50 4.62 -7.42
N SER A 55 10.94 5.81 -7.71
CA SER A 55 11.53 6.71 -8.71
C SER A 55 12.91 7.18 -8.28
N ARG A 56 13.07 7.53 -7.01
CA ARG A 56 14.39 7.90 -6.48
C ARG A 56 15.35 6.72 -6.41
N GLY A 57 14.85 5.49 -6.50
CA GLY A 57 15.73 4.35 -6.28
C GLY A 57 15.95 4.01 -4.83
N GLY A 58 15.19 4.63 -3.91
CA GLY A 58 15.32 4.39 -2.49
C GLY A 58 14.98 2.98 -2.02
N TYR A 59 14.60 2.07 -2.91
CA TYR A 59 14.42 0.68 -2.53
C TYR A 59 15.68 -0.07 -2.93
N THR A 60 16.43 -0.54 -1.92
CA THR A 60 17.64 -1.30 -2.20
C THR A 60 17.31 -2.74 -2.54
N SER A 61 16.27 -3.31 -1.95
CA SER A 61 15.95 -4.71 -2.16
C SER A 61 14.46 -4.84 -2.45
N SER A 62 14.10 -6.03 -2.90
CA SER A 62 12.69 -6.31 -3.14
C SER A 62 11.91 -6.40 -1.83
N GLU A 63 12.56 -6.85 -0.75
CA GLU A 63 11.86 -7.01 0.52
C GLU A 63 11.48 -5.68 1.13
N GLU A 64 12.28 -4.64 0.90
CA GLU A 64 11.93 -3.31 1.41
C GLU A 64 10.68 -2.79 0.74
N PHE A 65 10.53 -3.04 -0.56
CA PHE A 65 9.32 -2.65 -1.25
C PHE A 65 8.12 -3.38 -0.65
N ALA A 66 8.28 -4.68 -0.35
CA ALA A 66 7.18 -5.45 0.23
C ALA A 66 6.82 -4.96 1.62
N ALA A 67 7.80 -4.54 2.41
CA ALA A 67 7.50 -4.02 3.74
C ALA A 67 6.57 -2.82 3.66
N ASP A 68 6.86 -1.87 2.76
CA ASP A 68 5.97 -0.72 2.61
C ASP A 68 4.59 -1.15 2.12
N ALA A 69 4.54 -2.11 1.20
CA ALA A 69 3.24 -2.54 0.71
C ALA A 69 2.41 -3.13 1.85
N LEU A 70 3.01 -4.03 2.63
CA LEU A 70 2.31 -4.59 3.78
C LEU A 70 1.93 -3.51 4.79
N LEU A 71 2.75 -2.47 4.92
CA LEU A 71 2.44 -1.41 5.87
C LEU A 71 1.15 -0.67 5.47
N VAL A 72 0.93 -0.49 4.16
CA VAL A 72 -0.31 0.13 3.69
C VAL A 72 -1.52 -0.63 4.24
N PHE A 73 -1.50 -1.96 4.14
CA PHE A 73 -2.64 -2.78 4.51
C PHE A 73 -2.69 -3.09 6.00
N ASP A 74 -1.55 -3.12 6.70
CA ASP A 74 -1.58 -3.15 8.17
C ASP A 74 -2.26 -1.89 8.72
N ASN A 75 -1.81 -0.70 8.26
CA ASN A 75 -2.45 0.54 8.68
C ASN A 75 -3.94 0.53 8.36
N CYS A 76 -4.31 -0.01 7.19
CA CYS A 76 -5.71 -0.05 6.80
C CYS A 76 -6.52 -0.89 7.76
N GLN A 77 -6.02 -2.08 8.10
CA GLN A 77 -6.72 -2.96 9.04
C GLN A 77 -6.68 -2.42 10.47
N THR A 78 -5.65 -1.63 10.82
CA THR A 78 -5.61 -1.04 12.16
C THR A 78 -6.71 0.00 12.33
N PHE A 79 -6.92 0.83 11.33
CA PHE A 79 -7.80 1.98 11.53
C PHE A 79 -9.24 1.74 11.11
N ASN A 80 -9.49 0.92 10.08
CA ASN A 80 -10.81 0.76 9.49
C ASN A 80 -11.41 -0.60 9.84
N GLU A 81 -12.71 -0.61 10.12
CA GLU A 81 -13.42 -1.86 10.32
C GLU A 81 -13.37 -2.72 9.05
N ASP A 82 -13.31 -4.03 9.23
CA ASP A 82 -13.28 -4.95 8.09
C ASP A 82 -14.47 -4.76 7.18
N ASP A 83 -15.63 -4.38 7.73
CA ASP A 83 -16.81 -4.19 6.89
C ASP A 83 -16.97 -2.77 6.37
N SER A 84 -16.07 -1.86 6.72
CA SER A 84 -16.13 -0.50 6.20
C SER A 84 -15.73 -0.51 4.73
N GLU A 85 -16.15 0.56 4.04
CA GLU A 85 -15.88 0.64 2.61
C GLU A 85 -14.38 0.72 2.32
N VAL A 86 -13.60 1.34 3.22
CA VAL A 86 -12.15 1.36 3.00
C VAL A 86 -11.53 0.03 3.43
N GLY A 87 -12.01 -0.53 4.55
CA GLY A 87 -11.54 -1.84 4.94
C GLY A 87 -11.75 -2.87 3.85
N LYS A 88 -12.96 -2.91 3.29
CA LYS A 88 -13.27 -3.89 2.24
C LYS A 88 -12.31 -3.75 1.07
N ALA A 89 -11.97 -2.51 0.69
CA ALA A 89 -11.05 -2.32 -0.42
C ALA A 89 -9.65 -2.75 -0.04
N GLY A 90 -9.26 -2.51 1.22
CA GLY A 90 -7.93 -2.89 1.67
C GLY A 90 -7.72 -4.39 1.61
N HIS A 91 -8.74 -5.16 1.95
CA HIS A 91 -8.62 -6.61 1.87
C HIS A 91 -8.42 -7.07 0.42
N ILE A 92 -9.21 -6.52 -0.50
CA ILE A 92 -9.06 -6.86 -1.91
C ILE A 92 -7.66 -6.50 -2.39
N MET A 93 -7.17 -5.31 -2.00
CA MET A 93 -5.83 -4.91 -2.41
C MET A 93 -4.76 -5.76 -1.73
N ARG A 94 -4.95 -6.06 -0.44
CA ARG A 94 -4.01 -6.90 0.27
C ARG A 94 -3.91 -8.28 -0.38
N ARG A 95 -5.06 -8.91 -0.65
CA ARG A 95 -5.02 -10.24 -1.29
C ARG A 95 -4.41 -10.14 -2.69
N PHE A 96 -4.73 -9.07 -3.42
CA PHE A 96 -4.12 -8.87 -4.73
C PHE A 96 -2.59 -8.80 -4.61
N PHE A 97 -2.08 -8.04 -3.63
CA PHE A 97 -0.64 -7.91 -3.50
C PHE A 97 0.00 -9.25 -3.15
N GLU A 98 -0.57 -9.94 -2.17
CA GLU A 98 0.03 -11.19 -1.73
C GLU A 98 0.08 -12.20 -2.87
N SER A 99 -1.03 -12.33 -3.59
CA SER A 99 -1.09 -13.31 -4.67
C SER A 99 -0.21 -12.92 -5.85
N ARG A 100 -0.03 -11.62 -6.07
CA ARG A 100 0.84 -11.18 -7.17
C ARG A 100 2.29 -11.24 -6.75
N TRP A 101 2.55 -11.03 -5.46
CA TRP A 101 3.89 -11.19 -4.93
C TRP A 101 4.36 -12.63 -5.04
N GLU A 102 3.47 -13.58 -4.77
CA GLU A 102 3.89 -14.98 -4.70
C GLU A 102 4.14 -15.59 -6.07
N GLU A 103 3.55 -15.06 -7.12
CA GLU A 103 3.89 -15.53 -8.46
C GLU A 103 5.09 -14.81 -9.06
N PHE A 104 5.78 -13.99 -8.26
CA PHE A 104 7.08 -13.45 -8.63
C PHE A 104 8.21 -13.91 -7.73
N TYR A 105 7.91 -14.38 -6.51
CA TYR A 105 8.90 -14.81 -5.52
C TYR A 105 8.43 -16.05 -4.75
C13 GIZ B . -10.72 10.74 -3.33
C14 GIZ B . -10.59 8.73 -0.08
C16 GIZ B . -10.25 7.66 1.98
C19 GIZ B . -9.40 6.91 3.00
N20 GIZ B . -8.33 6.17 2.59
C21 GIZ B . -7.73 5.58 3.64
C23 GIZ B . -8.45 5.95 4.80
C24 GIZ B . -8.07 5.48 6.22
C26 GIZ B . -8.55 6.23 7.49
C28 GIZ B . -10.63 7.49 5.20
C30 GIZ B . -10.16 12.53 -6.88
C31 GIZ B . -9.76 12.12 -8.33
C01 GIZ B . -11.59 11.33 -11.07
C02 GIZ B . -11.53 11.87 -9.62
C04 GIZ B . -11.42 10.34 -8.07
C05 GIZ B . -10.75 10.15 -6.70
C06 GIZ B . -10.46 11.40 -5.99
C07 GIZ B . -9.23 11.16 -4.93
C09 GIZ B . -8.53 10.29 -3.02
C10 GIZ B . -8.83 9.44 -1.78
C12 GIZ B . -11.21 9.63 -2.41
C17 GIZ B . -11.66 7.94 2.03
C22 GIZ B . -6.47 4.68 3.49
C27 GIZ B . -9.51 6.79 4.39
C29 GIZ B . -11.71 6.50 5.67
N03 GIZ B . -10.73 11.26 -8.96
N08 GIZ B . -9.56 10.35 -3.94
N11 GIZ B . -10.22 9.28 -1.38
N15 GIZ B . -9.64 8.12 0.72
O25 GIZ B . -7.36 4.53 6.38
S18 GIZ B . -12.07 8.71 0.67
C1 EDO C . -9.66 11.20 3.31
O1 EDO C . -10.95 11.67 2.88
C2 EDO C . -8.59 11.91 2.47
O2 EDO C . -7.30 11.72 3.08
#